data_2QM2
#
_entry.id   2QM2
#
_cell.length_a   87.622
_cell.length_b   90.886
_cell.length_c   72.445
_cell.angle_alpha   90.00
_cell.angle_beta   90.00
_cell.angle_gamma   90.00
#
_symmetry.space_group_name_H-M   'C 2 2 21'
#
loop_
_entity.id
_entity.type
_entity.pdbx_description
1 polymer 'Putative HopJ type III effector protein'
2 non-polymer 'POTASSIUM ION'
3 non-polymer GLYCEROL
4 non-polymer 'SODIUM ION'
5 non-polymer 2-AMINO-2-HYDROXYMETHYL-PROPANE-1,3-DIOL
6 water water
#
_entity_poly.entity_id   1
_entity_poly.type   'polypeptide(L)'
_entity_poly.pdbx_seq_one_letter_code
;SNA(MSE)ALGFG(MSE)K(MSE)ELQQFLDALASSPEKIEFETT(MSE)AVIEDNYDFTPAAFTNGNTQNDANENNGSC
KIFAFGLLNALDKEATLACFGRFYREDVLLHPENNDHQNIRNF(MSE)VTGWEGIQFETSALTAK
;
_entity_poly.pdbx_strand_id   A,B
#
# COMPACT_ATOMS: atom_id res chain seq x y z
N PHE A 8 -13.22 -7.72 28.13
CA PHE A 8 -13.11 -9.03 27.40
C PHE A 8 -14.13 -9.10 26.29
N GLY A 9 -13.75 -9.74 25.18
CA GLY A 9 -14.61 -9.86 24.00
C GLY A 9 -14.89 -8.56 23.25
N LYS A 11 -13.48 -6.29 20.43
CA LYS A 11 -12.61 -5.99 19.32
C LYS A 11 -13.11 -4.74 18.62
N GLU A 13 -13.82 -2.55 15.55
CA GLU A 13 -14.36 -2.88 14.25
C GLU A 13 -13.71 -1.97 13.23
N LEU A 14 -13.11 -2.53 12.16
CA LEU A 14 -12.27 -1.72 11.28
C LEU A 14 -13.10 -0.64 10.57
N GLN A 15 -14.27 -1.03 10.04
CA GLN A 15 -15.01 -0.17 9.15
C GLN A 15 -15.54 1.04 9.90
N GLN A 16 -15.91 0.85 11.16
CA GLN A 16 -16.38 1.98 11.96
C GLN A 16 -15.24 2.93 12.19
N PHE A 17 -14.10 2.40 12.58
CA PHE A 17 -12.93 3.28 12.59
C PHE A 17 -12.77 4.10 11.33
N LEU A 18 -12.85 3.45 10.16
CA LEU A 18 -12.53 4.13 8.91
C LEU A 18 -13.58 5.20 8.53
N ASP A 19 -14.84 4.92 8.82
CA ASP A 19 -15.94 5.85 8.59
C ASP A 19 -15.84 7.05 9.52
N ALA A 20 -15.65 6.75 10.80
CA ALA A 20 -15.34 7.74 11.80
C ALA A 20 -14.12 8.58 11.35
N LEU A 21 -13.07 7.89 10.94
CA LEU A 21 -11.91 8.57 10.38
C LEU A 21 -12.34 9.46 9.19
N ALA A 22 -13.22 8.95 8.33
CA ALA A 22 -13.74 9.71 7.20
C ALA A 22 -14.48 10.99 7.61
N SER A 23 -15.52 10.85 8.45
CA SER A 23 -16.34 11.99 8.84
C SER A 23 -15.61 12.98 9.72
N SER A 24 -14.91 12.49 10.75
CA SER A 24 -14.26 13.40 11.69
C SER A 24 -12.82 13.05 12.08
N PRO A 25 -11.88 13.23 11.12
CA PRO A 25 -10.46 12.97 11.39
C PRO A 25 -9.92 13.62 12.68
N GLU A 26 -10.28 14.88 12.93
CA GLU A 26 -9.75 15.57 14.10
C GLU A 26 -10.10 14.88 15.43
N LYS A 27 -11.06 13.95 15.43
CA LYS A 27 -11.38 13.24 16.66
C LYS A 27 -10.66 11.90 16.81
N ILE A 28 -9.77 11.62 15.86
CA ILE A 28 -9.08 10.35 15.90
C ILE A 28 -7.89 10.49 16.82
N GLU A 29 -7.71 9.51 17.69
CA GLU A 29 -6.67 9.50 18.70
C GLU A 29 -5.73 8.33 18.40
N PHE A 30 -4.46 8.50 18.76
CA PHE A 30 -3.41 7.57 18.41
C PHE A 30 -3.58 6.17 19.01
N GLU A 31 -3.82 6.11 20.31
CA GLU A 31 -4.22 4.85 20.99
C GLU A 31 -5.37 4.15 20.28
N THR A 32 -6.28 4.93 19.73
CA THR A 32 -7.45 4.41 19.01
C THR A 32 -6.97 3.74 17.72
N THR A 33 -6.10 4.43 17.00
CA THR A 33 -5.47 3.83 15.84
C THR A 33 -4.71 2.55 16.27
N ALA A 35 -5.13 0.61 18.70
CA ALA A 35 -6.11 -0.44 18.97
C ALA A 35 -6.73 -1.11 17.77
N VAL A 36 -7.22 -0.31 16.81
CA VAL A 36 -7.81 -0.86 15.62
C VAL A 36 -6.85 -1.77 14.91
N ILE A 37 -5.59 -1.37 14.83
CA ILE A 37 -4.69 -2.02 13.97
C ILE A 37 -4.29 -3.33 14.65
N GLU A 38 -4.06 -3.29 15.95
CA GLU A 38 -3.64 -4.47 16.71
C GLU A 38 -4.77 -5.55 16.75
N ASP A 39 -6.02 -5.10 16.88
CA ASP A 39 -7.22 -5.98 16.82
C ASP A 39 -7.53 -6.55 15.41
N ASN A 40 -7.00 -5.93 14.37
N ASN A 40 -6.97 -5.93 14.38
CA ASN A 40 -7.47 -6.27 13.02
CA ASN A 40 -7.43 -6.17 13.02
C ASN A 40 -6.38 -6.78 12.08
C ASN A 40 -6.39 -6.81 12.11
N TYR A 41 -5.14 -6.77 12.54
CA TYR A 41 -4.02 -7.17 11.71
C TYR A 41 -2.94 -7.91 12.47
N ASP A 42 -2.19 -8.75 11.76
N ASP A 42 -2.23 -8.78 11.78
CA ASP A 42 -0.94 -9.28 12.29
CA ASP A 42 -0.97 -9.23 12.31
C ASP A 42 0.23 -8.40 11.88
C ASP A 42 0.08 -8.20 11.93
N PHE A 43 1.00 -7.95 12.85
CA PHE A 43 2.11 -7.02 12.60
C PHE A 43 3.40 -7.76 12.44
N THR A 44 4.15 -7.34 11.43
CA THR A 44 5.42 -7.95 11.19
C THR A 44 6.40 -6.82 10.96
N PRO A 45 7.36 -6.62 11.90
CA PRO A 45 8.34 -5.53 11.77
C PRO A 45 8.98 -5.44 10.38
N ALA A 46 8.89 -4.27 9.76
CA ALA A 46 9.42 -4.05 8.42
C ALA A 46 10.26 -2.77 8.34
N ALA A 47 11.39 -2.80 7.63
CA ALA A 47 12.10 -1.59 7.33
C ALA A 47 11.35 -0.81 6.26
N PHE A 48 11.38 0.51 6.35
CA PHE A 48 10.74 1.31 5.30
C PHE A 48 11.40 2.64 5.24
N THR A 49 11.40 3.24 4.06
N THR A 49 11.36 3.24 4.06
CA THR A 49 11.90 4.60 3.96
CA THR A 49 11.88 4.59 3.91
C THR A 49 10.69 5.51 3.81
C THR A 49 10.69 5.52 3.78
N ASN A 50 10.86 6.76 4.19
CA ASN A 50 9.73 7.72 4.17
C ASN A 50 10.36 9.06 3.89
N GLY A 51 10.30 9.46 2.62
CA GLY A 51 11.15 10.48 2.05
C GLY A 51 12.58 10.46 2.55
N ASN A 52 12.89 11.36 3.49
CA ASN A 52 14.26 11.52 3.96
C ASN A 52 14.59 10.75 5.25
N THR A 53 13.61 10.03 5.80
CA THR A 53 13.89 9.12 6.91
C THR A 53 13.96 7.68 6.42
N GLN A 54 14.79 6.89 7.10
CA GLN A 54 14.75 5.46 6.93
C GLN A 54 14.51 4.85 8.30
N ASN A 55 13.55 3.94 8.35
CA ASN A 55 13.29 3.21 9.57
C ASN A 55 13.69 1.76 9.38
N ASP A 56 14.53 1.25 10.28
CA ASP A 56 14.93 -0.16 10.27
C ASP A 56 13.72 -0.94 10.80
N ALA A 57 13.74 -2.27 10.72
CA ALA A 57 12.65 -3.08 11.31
C ALA A 57 12.49 -2.71 12.77
N ASN A 58 11.27 -2.62 13.25
CA ASN A 58 11.03 -2.38 14.67
C ASN A 58 11.32 -0.96 15.13
N GLU A 59 11.74 -0.12 14.19
CA GLU A 59 12.04 1.25 14.48
C GLU A 59 10.87 2.14 14.06
N ASN A 60 10.41 2.99 14.97
CA ASN A 60 9.22 3.80 14.74
C ASN A 60 8.01 2.99 14.32
N ASN A 61 7.88 1.80 14.91
CA ASN A 61 6.65 0.94 14.80
C ASN A 61 5.29 1.62 14.74
N GLY A 62 5.10 2.66 15.50
CA GLY A 62 3.85 3.41 15.45
C GLY A 62 3.65 3.84 14.02
N SER A 63 4.71 4.42 13.46
CA SER A 63 4.68 5.00 12.14
C SER A 63 4.51 3.90 11.15
N CYS A 64 5.27 2.82 11.41
CA CYS A 64 5.26 1.68 10.53
C CYS A 64 3.82 1.20 10.40
N LYS A 65 3.21 0.95 11.53
CA LYS A 65 1.83 0.47 11.50
C LYS A 65 0.89 1.49 10.78
N ILE A 66 0.94 2.79 11.10
CA ILE A 66 0.01 3.73 10.42
C ILE A 66 0.16 3.78 8.92
N PHE A 67 1.38 3.97 8.40
CA PHE A 67 1.55 3.94 6.98
C PHE A 67 1.08 2.65 6.34
N ALA A 68 1.43 1.48 6.87
CA ALA A 68 0.97 0.24 6.27
C ALA A 68 -0.57 0.17 6.34
N PHE A 69 -1.13 0.61 7.46
CA PHE A 69 -2.57 0.62 7.61
C PHE A 69 -3.28 1.60 6.60
N GLY A 70 -2.61 2.70 6.28
CA GLY A 70 -3.13 3.67 5.29
C GLY A 70 -3.01 3.09 3.86
N LEU A 71 -2.10 2.14 3.68
CA LEU A 71 -1.90 1.47 2.40
C LEU A 71 -2.98 0.41 2.22
N LEU A 72 -3.25 -0.31 3.29
CA LEU A 72 -4.18 -1.40 3.19
C LEU A 72 -5.61 -0.90 3.02
N ASN A 73 -5.84 0.32 3.44
CA ASN A 73 -7.18 0.82 3.44
C ASN A 73 -7.30 1.94 2.48
N ALA A 74 -6.25 2.14 1.70
CA ALA A 74 -6.31 3.04 0.59
C ALA A 74 -6.66 4.42 1.11
N LEU A 75 -6.07 4.75 2.24
CA LEU A 75 -6.20 6.05 2.82
C LEU A 75 -5.34 7.09 2.12
N ASP A 76 -5.98 8.25 2.03
CA ASP A 76 -5.38 9.49 1.69
C ASP A 76 -4.19 9.89 2.56
N LYS A 77 -3.29 10.69 2.00
CA LYS A 77 -2.21 11.31 2.74
C LYS A 77 -2.72 11.94 4.05
N GLU A 78 -3.65 12.89 3.91
N GLU A 78 -3.64 12.90 3.93
CA GLU A 78 -4.20 13.63 5.03
CA GLU A 78 -4.18 13.63 5.08
C GLU A 78 -4.89 12.69 6.02
C GLU A 78 -4.96 12.73 6.04
N ALA A 79 -5.62 11.70 5.51
CA ALA A 79 -6.33 10.74 6.35
C ALA A 79 -5.33 9.83 7.13
N THR A 80 -4.24 9.49 6.47
CA THR A 80 -3.22 8.66 7.08
C THR A 80 -2.57 9.51 8.19
N LEU A 81 -2.57 10.83 7.99
CA LEU A 81 -1.94 11.73 8.98
C LEU A 81 -2.80 11.88 10.21
N ALA A 82 -4.09 12.05 9.98
CA ALA A 82 -5.09 12.02 11.06
C ALA A 82 -4.90 10.83 12.06
N CYS A 83 -4.46 9.69 11.54
CA CYS A 83 -4.22 8.52 12.40
C CYS A 83 -3.19 8.66 13.49
N PHE A 84 -2.19 9.54 13.30
CA PHE A 84 -1.23 9.92 14.36
C PHE A 84 -1.78 10.67 15.54
N GLY A 85 -3.05 11.05 15.44
CA GLY A 85 -3.79 11.78 16.47
C GLY A 85 -2.99 13.01 16.82
N ARG A 86 -2.93 13.30 18.13
CA ARG A 86 -2.35 14.54 18.60
C ARG A 86 -0.88 14.72 18.21
N PHE A 87 -0.16 13.62 17.95
CA PHE A 87 1.23 13.71 17.51
C PHE A 87 1.33 14.47 16.23
N TYR A 88 0.29 14.37 15.42
CA TYR A 88 0.19 15.09 14.18
C TYR A 88 -0.46 16.48 14.39
N ARG A 89 -1.68 16.43 14.89
CA ARG A 89 -2.57 17.58 15.11
C ARG A 89 -2.02 18.65 16.03
N GLU A 90 -1.30 18.22 17.07
CA GLU A 90 -0.71 19.18 17.97
C GLU A 90 0.81 19.34 17.74
N ASP A 91 1.55 18.26 17.96
CA ASP A 91 2.99 18.31 17.98
C ASP A 91 3.57 18.83 16.68
N VAL A 92 3.05 18.34 15.58
CA VAL A 92 3.64 18.61 14.27
C VAL A 92 2.95 19.85 13.62
N LEU A 93 1.63 19.89 13.69
CA LEU A 93 0.91 20.91 12.87
C LEU A 93 0.96 22.27 13.48
N LEU A 94 1.00 22.34 14.82
CA LEU A 94 1.08 23.64 15.50
C LEU A 94 2.51 24.18 15.43
N HIS A 95 3.48 23.31 15.15
CA HIS A 95 4.91 23.73 15.20
C HIS A 95 5.72 23.33 13.97
N PRO A 96 5.53 24.04 12.87
CA PRO A 96 6.30 23.74 11.65
C PRO A 96 7.85 23.95 11.79
N GLU A 97 8.29 24.84 12.67
N GLU A 97 8.25 24.86 12.66
CA GLU A 97 9.74 25.15 12.84
CA GLU A 97 9.66 25.20 12.84
C GLU A 97 10.53 23.98 13.42
C GLU A 97 10.40 24.23 13.77
N ASN A 98 9.81 23.07 14.04
CA ASN A 98 10.43 22.05 14.87
C ASN A 98 10.65 20.77 14.07
N ASN A 99 11.32 19.80 14.69
CA ASN A 99 11.86 18.62 14.00
C ASN A 99 11.52 17.33 14.68
N ASP A 100 10.66 17.52 15.66
CA ASP A 100 9.75 16.57 16.23
C ASP A 100 9.22 15.61 15.17
N HIS A 101 9.15 14.30 15.48
CA HIS A 101 8.39 13.30 14.69
C HIS A 101 8.65 13.27 13.17
N GLN A 102 9.89 13.04 12.77
CA GLN A 102 10.34 13.03 11.39
C GLN A 102 9.52 12.19 10.39
N ASN A 103 9.00 11.05 10.82
CA ASN A 103 8.14 10.31 9.89
C ASN A 103 6.89 11.11 9.50
N ILE A 104 6.38 11.88 10.42
CA ILE A 104 5.18 12.68 10.17
C ILE A 104 5.56 13.86 9.32
N ARG A 105 6.65 14.49 9.70
CA ARG A 105 7.02 15.70 9.03
C ARG A 105 7.39 15.30 7.64
N ASN A 106 8.05 14.16 7.54
CA ASN A 106 8.43 13.63 6.23
C ASN A 106 7.29 13.23 5.30
N PHE A 107 6.28 12.57 5.83
CA PHE A 107 5.20 12.11 5.03
C PHE A 107 4.44 13.32 4.48
N VAL A 109 5.51 16.16 3.57
CA VAL A 109 6.19 16.66 2.40
C VAL A 109 6.11 15.69 1.18
N THR A 110 6.65 14.47 1.32
CA THR A 110 6.71 13.49 0.24
C THR A 110 5.47 12.57 0.03
N GLY A 111 4.60 12.44 1.04
CA GLY A 111 3.33 11.71 0.91
C GLY A 111 3.58 10.26 0.56
N TRP A 112 2.64 9.59 -0.12
CA TRP A 112 2.86 8.19 -0.51
C TRP A 112 4.05 8.03 -1.44
N GLU A 113 4.21 8.97 -2.33
CA GLU A 113 5.42 8.93 -3.21
C GLU A 113 6.73 8.62 -2.48
N GLY A 114 6.89 9.17 -1.28
CA GLY A 114 8.12 8.97 -0.49
C GLY A 114 8.17 7.65 0.29
N ILE A 115 7.09 6.89 0.31
CA ILE A 115 7.06 5.74 1.19
C ILE A 115 7.52 4.51 0.44
N GLN A 116 8.42 3.74 1.01
CA GLN A 116 8.74 2.43 0.39
C GLN A 116 9.05 1.42 1.41
N PHE A 117 8.35 0.31 1.40
CA PHE A 117 8.49 -0.75 2.39
C PHE A 117 9.38 -1.83 1.85
N GLU A 118 10.21 -2.39 2.71
CA GLU A 118 11.02 -3.56 2.35
C GLU A 118 10.18 -4.81 2.28
N THR A 119 9.24 -4.89 3.20
CA THR A 119 8.39 -6.04 3.36
C THR A 119 7.06 -5.59 3.95
N SER A 120 6.06 -6.45 3.82
CA SER A 120 4.76 -6.13 4.32
C SER A 120 4.80 -5.96 5.84
N ALA A 121 4.29 -4.83 6.36
CA ALA A 121 4.27 -4.69 7.82
C ALA A 121 2.99 -5.26 8.46
N LEU A 122 1.90 -5.21 7.70
CA LEU A 122 0.63 -5.66 8.19
C LEU A 122 -0.04 -6.64 7.25
N THR A 123 -0.95 -7.41 7.83
CA THR A 123 -1.68 -8.34 7.08
C THR A 123 -2.97 -8.54 7.86
N ALA A 124 -4.10 -8.55 7.14
CA ALA A 124 -5.40 -8.62 7.81
C ALA A 124 -5.54 -9.93 8.54
N LYS A 125 -6.15 -9.89 9.74
CA LYS A 125 -6.47 -11.14 10.43
C LYS A 125 -7.63 -11.84 9.69
N LYS B 11 14.26 -3.23 -15.84
CA LYS B 11 14.54 -4.66 -15.64
C LYS B 11 15.29 -5.16 -14.38
N GLU B 13 16.87 -2.52 -11.97
CA GLU B 13 16.90 -1.53 -10.89
C GLU B 13 15.60 -0.80 -10.64
N LEU B 14 15.21 -0.84 -9.38
CA LEU B 14 13.90 -0.46 -8.94
C LEU B 14 13.54 1.00 -9.27
N GLN B 15 14.44 1.92 -8.93
CA GLN B 15 14.05 3.32 -8.85
C GLN B 15 13.86 3.81 -10.24
N GLN B 16 14.71 3.36 -11.14
CA GLN B 16 14.58 3.72 -12.53
C GLN B 16 13.24 3.22 -13.07
N PHE B 17 12.92 1.99 -12.81
CA PHE B 17 11.57 1.53 -13.12
C PHE B 17 10.52 2.46 -12.52
N LEU B 18 10.69 2.80 -11.23
CA LEU B 18 9.66 3.57 -10.56
C LEU B 18 9.54 4.98 -11.17
N ASP B 19 10.69 5.54 -11.58
CA ASP B 19 10.76 6.85 -12.22
C ASP B 19 10.11 6.80 -13.60
N ALA B 20 10.45 5.76 -14.37
CA ALA B 20 9.81 5.51 -15.66
C ALA B 20 8.31 5.35 -15.50
N LEU B 21 7.90 4.55 -14.52
CA LEU B 21 6.48 4.40 -14.23
C LEU B 21 5.84 5.79 -13.93
N ALA B 22 6.53 6.65 -13.18
CA ALA B 22 6.04 8.00 -12.85
C ALA B 22 6.04 8.95 -14.04
N SER B 23 7.07 8.81 -14.89
CA SER B 23 7.29 9.64 -16.06
C SER B 23 6.35 9.31 -17.21
N SER B 24 6.30 8.02 -17.55
CA SER B 24 5.69 7.49 -18.78
C SER B 24 4.97 6.16 -18.58
N PRO B 25 3.90 6.15 -17.76
CA PRO B 25 3.21 4.88 -17.45
C PRO B 25 2.73 4.15 -18.71
N GLU B 26 2.21 4.92 -19.65
CA GLU B 26 1.73 4.42 -20.93
C GLU B 26 2.79 3.59 -21.65
N LYS B 27 4.05 3.70 -21.21
CA LYS B 27 5.16 3.04 -21.89
C LYS B 27 5.65 1.75 -21.24
N ILE B 28 5.27 1.46 -19.99
CA ILE B 28 5.76 0.24 -19.39
C ILE B 28 4.98 -0.99 -19.90
N GLU B 29 5.65 -2.12 -19.84
CA GLU B 29 5.18 -3.33 -20.45
C GLU B 29 5.23 -4.32 -19.34
N PHE B 30 4.28 -5.25 -19.34
CA PHE B 30 4.11 -6.23 -18.30
C PHE B 30 5.42 -6.95 -18.02
N GLU B 31 6.17 -7.24 -19.07
N GLU B 31 6.15 -7.25 -19.10
CA GLU B 31 7.40 -8.01 -18.91
CA GLU B 31 7.45 -7.95 -19.03
C GLU B 31 8.48 -7.18 -18.20
C GLU B 31 8.43 -7.18 -18.17
N THR B 32 8.39 -5.85 -18.28
CA THR B 32 9.36 -5.00 -17.55
C THR B 32 9.03 -4.90 -16.05
N THR B 33 7.74 -4.93 -15.70
CA THR B 33 7.33 -5.00 -14.29
C THR B 33 7.81 -6.33 -13.72
N ALA B 35 10.20 -8.24 -14.78
CA ALA B 35 11.63 -8.18 -14.59
C ALA B 35 12.04 -7.45 -13.31
N VAL B 36 11.59 -6.22 -13.12
CA VAL B 36 11.95 -5.47 -11.93
C VAL B 36 11.63 -6.24 -10.65
N ILE B 37 10.42 -6.84 -10.59
CA ILE B 37 9.95 -7.44 -9.35
C ILE B 37 10.82 -8.65 -9.05
N GLU B 38 11.09 -9.44 -10.09
N GLU B 38 11.08 -9.46 -10.08
CA GLU B 38 11.94 -10.64 -9.99
CA GLU B 38 11.92 -10.65 -9.98
C GLU B 38 13.39 -10.30 -9.62
C GLU B 38 13.39 -10.30 -9.62
N ASP B 39 13.88 -9.16 -10.09
CA ASP B 39 15.27 -8.73 -9.83
C ASP B 39 15.45 -7.99 -8.49
N ASN B 40 14.37 -7.74 -7.79
CA ASN B 40 14.49 -6.91 -6.61
C ASN B 40 13.77 -7.48 -5.39
N TYR B 41 12.94 -8.49 -5.61
CA TYR B 41 12.17 -9.08 -4.50
C TYR B 41 12.29 -10.60 -4.42
N ASP B 42 12.11 -11.16 -3.24
CA ASP B 42 11.90 -12.59 -3.19
C ASP B 42 10.40 -12.83 -3.13
N PHE B 43 9.91 -13.61 -4.08
N PHE B 43 9.93 -13.62 -4.09
CA PHE B 43 8.49 -13.87 -4.20
CA PHE B 43 8.51 -13.92 -4.21
C PHE B 43 8.08 -15.15 -3.47
C PHE B 43 8.14 -15.10 -3.33
N THR B 44 6.92 -15.07 -2.81
CA THR B 44 6.30 -16.17 -2.08
C THR B 44 4.82 -16.14 -2.46
N PRO B 45 4.31 -17.22 -3.07
CA PRO B 45 2.94 -17.30 -3.53
C PRO B 45 1.97 -16.98 -2.38
N ALA B 46 0.96 -16.18 -2.68
CA ALA B 46 0.02 -15.79 -1.65
C ALA B 46 -1.38 -15.78 -2.20
N ALA B 47 -2.39 -16.17 -1.41
CA ALA B 47 -3.76 -15.96 -1.79
C ALA B 47 -4.07 -14.44 -1.64
N PHE B 48 -4.99 -13.93 -2.46
CA PHE B 48 -5.45 -12.54 -2.25
C PHE B 48 -6.77 -12.35 -2.90
N THR B 49 -7.56 -11.47 -2.35
CA THR B 49 -8.82 -11.17 -2.99
C THR B 49 -8.71 -9.80 -3.57
N ASN B 50 -9.50 -9.56 -4.61
CA ASN B 50 -9.44 -8.33 -5.35
C ASN B 50 -10.85 -8.03 -5.79
N GLY B 51 -11.47 -7.10 -5.08
CA GLY B 51 -12.90 -6.94 -5.07
C GLY B 51 -13.67 -8.24 -5.15
N ASN B 52 -14.21 -8.53 -6.32
N ASN B 52 -14.23 -8.54 -6.31
CA ASN B 52 -15.06 -9.71 -6.57
CA ASN B 52 -15.06 -9.73 -6.47
C ASN B 52 -14.26 -10.99 -6.71
C ASN B 52 -14.33 -10.92 -7.11
N THR B 53 -13.00 -10.87 -7.11
CA THR B 53 -12.20 -12.04 -7.45
C THR B 53 -11.38 -12.51 -6.27
N GLN B 54 -11.12 -13.81 -6.25
N GLN B 54 -11.09 -13.80 -6.27
CA GLN B 54 -10.29 -14.44 -5.26
CA GLN B 54 -10.34 -14.47 -5.22
C GLN B 54 -9.26 -15.18 -6.06
C GLN B 54 -9.28 -15.31 -5.92
N ASN B 55 -8.02 -15.00 -5.64
CA ASN B 55 -6.92 -15.70 -6.18
C ASN B 55 -6.34 -16.58 -5.09
N ASP B 56 -6.17 -17.86 -5.41
CA ASP B 56 -5.50 -18.77 -4.50
C ASP B 56 -4.01 -18.51 -4.67
N ALA B 57 -3.20 -19.11 -3.79
CA ALA B 57 -1.79 -18.95 -3.85
C ALA B 57 -1.38 -19.55 -5.17
N ASN B 58 -0.36 -18.98 -5.76
CA ASN B 58 0.08 -19.36 -7.10
C ASN B 58 -0.88 -19.13 -8.28
N GLU B 59 -1.92 -18.34 -8.07
CA GLU B 59 -2.94 -18.15 -9.12
C GLU B 59 -2.93 -16.71 -9.52
N ASN B 60 -2.93 -16.47 -10.81
CA ASN B 60 -2.71 -15.14 -11.31
C ASN B 60 -1.47 -14.49 -10.68
N ASN B 61 -0.42 -15.29 -10.46
CA ASN B 61 0.86 -14.73 -9.93
C ASN B 61 1.34 -13.38 -10.47
N GLY B 62 1.01 -13.06 -11.71
CA GLY B 62 1.45 -11.80 -12.35
C GLY B 62 0.76 -10.65 -11.64
N SER B 63 -0.53 -10.82 -11.47
CA SER B 63 -1.38 -9.90 -10.69
C SER B 63 -0.90 -9.80 -9.24
N CYS B 64 -0.68 -10.96 -8.62
CA CYS B 64 -0.18 -11.10 -7.25
C CYS B 64 1.05 -10.24 -7.11
N LYS B 65 1.98 -10.44 -8.05
CA LYS B 65 3.22 -9.65 -8.02
C LYS B 65 2.93 -8.14 -8.09
N ILE B 66 2.15 -7.68 -9.07
CA ILE B 66 1.87 -6.22 -9.19
C ILE B 66 1.19 -5.62 -7.95
N PHE B 67 0.13 -6.27 -7.46
CA PHE B 67 -0.50 -5.74 -6.27
C PHE B 67 0.37 -5.61 -5.01
N ALA B 68 1.17 -6.66 -4.72
CA ALA B 68 2.06 -6.70 -3.61
C ALA B 68 3.19 -5.69 -3.83
N PHE B 69 3.67 -5.57 -5.08
CA PHE B 69 4.71 -4.59 -5.37
C PHE B 69 4.14 -3.14 -5.27
N GLY B 70 2.89 -2.97 -5.68
CA GLY B 70 2.27 -1.65 -5.59
C GLY B 70 1.96 -1.30 -4.13
N LEU B 71 1.98 -2.31 -3.26
CA LEU B 71 1.69 -2.08 -1.83
C LEU B 71 2.97 -1.65 -1.16
N LEU B 72 4.05 -2.38 -1.45
CA LEU B 72 5.35 -1.99 -0.91
C LEU B 72 5.71 -0.60 -1.36
N ASN B 73 5.40 -0.31 -2.60
CA ASN B 73 5.85 0.91 -3.22
C ASN B 73 4.86 2.06 -3.13
N ALA B 74 3.78 1.87 -2.36
CA ALA B 74 2.71 2.84 -2.19
C ALA B 74 2.23 3.41 -3.49
N LEU B 75 2.15 2.55 -4.52
CA LEU B 75 1.70 2.99 -5.85
C LEU B 75 0.24 3.42 -5.84
N ASP B 76 -0.05 4.54 -6.52
CA ASP B 76 -1.46 4.88 -6.67
C ASP B 76 -2.18 3.95 -7.68
N LYS B 77 -3.51 3.99 -7.66
CA LYS B 77 -4.32 3.12 -8.46
C LYS B 77 -3.90 3.15 -9.94
N GLU B 78 -3.71 4.34 -10.50
CA GLU B 78 -3.31 4.47 -11.93
C GLU B 78 -1.95 3.85 -12.34
N ALA B 79 -0.96 3.97 -11.46
CA ALA B 79 0.40 3.55 -11.77
C ALA B 79 0.48 2.02 -11.64
N THR B 80 -0.38 1.52 -10.76
CA THR B 80 -0.55 0.13 -10.51
C THR B 80 -1.17 -0.53 -11.73
N LEU B 81 -2.08 0.18 -12.38
CA LEU B 81 -2.69 -0.39 -13.54
C LEU B 81 -1.71 -0.30 -14.69
N ALA B 82 -0.85 0.73 -14.67
CA ALA B 82 0.13 0.82 -15.72
C ALA B 82 1.10 -0.37 -15.70
N CYS B 83 1.42 -0.88 -14.51
CA CYS B 83 2.28 -2.05 -14.41
C CYS B 83 1.85 -3.25 -15.23
N PHE B 84 0.54 -3.52 -15.34
CA PHE B 84 0.01 -4.55 -16.24
C PHE B 84 0.26 -4.30 -17.73
N GLY B 85 1.02 -3.26 -18.07
CA GLY B 85 1.24 -2.89 -19.47
C GLY B 85 0.04 -3.04 -20.40
N ARG B 86 0.28 -3.73 -21.52
CA ARG B 86 -0.72 -3.81 -22.61
C ARG B 86 -1.98 -4.51 -22.18
N PHE B 87 -1.91 -5.48 -21.25
CA PHE B 87 -3.13 -6.16 -20.83
C PHE B 87 -4.10 -5.17 -20.25
N TYR B 88 -3.55 -4.07 -19.77
CA TYR B 88 -4.38 -3.03 -19.24
C TYR B 88 -4.77 -2.02 -20.32
N ARG B 89 -3.76 -1.46 -20.96
CA ARG B 89 -3.87 -0.37 -21.85
C ARG B 89 -4.59 -0.78 -23.10
N GLU B 90 -4.36 -2.03 -23.53
CA GLU B 90 -5.07 -2.55 -24.71
C GLU B 90 -6.22 -3.57 -24.42
N ASP B 91 -5.91 -4.69 -23.77
CA ASP B 91 -6.91 -5.72 -23.60
C ASP B 91 -8.09 -5.11 -22.87
N VAL B 92 -7.82 -4.44 -21.76
CA VAL B 92 -8.90 -4.15 -20.79
C VAL B 92 -9.52 -2.77 -21.05
N LEU B 93 -8.69 -1.73 -21.09
CA LEU B 93 -9.14 -0.33 -21.18
C LEU B 93 -9.93 -0.01 -22.46
N LEU B 94 -9.53 -0.66 -23.55
CA LEU B 94 -10.12 -0.46 -24.85
C LEU B 94 -11.41 -1.26 -24.99
N HIS B 95 -11.65 -2.14 -24.03
CA HIS B 95 -12.80 -3.04 -24.15
C HIS B 95 -13.64 -3.17 -22.88
N PRO B 96 -14.44 -2.16 -22.58
CA PRO B 96 -15.26 -2.23 -21.35
C PRO B 96 -16.35 -3.37 -21.33
N GLU B 97 -16.88 -3.78 -22.49
CA GLU B 97 -17.90 -4.82 -22.50
C GLU B 97 -17.33 -6.25 -22.22
N ASN B 98 -16.01 -6.42 -22.26
CA ASN B 98 -15.40 -7.75 -22.15
C ASN B 98 -15.04 -8.08 -20.67
N ASN B 99 -14.64 -9.33 -20.39
CA ASN B 99 -14.46 -9.83 -18.99
C ASN B 99 -13.24 -10.68 -18.88
N ASP B 100 -12.44 -10.47 -19.91
CA ASP B 100 -11.02 -10.54 -19.93
C ASP B 100 -10.31 -10.01 -18.66
N HIS B 101 -9.34 -10.76 -18.11
CA HIS B 101 -8.42 -10.31 -17.05
C HIS B 101 -9.09 -9.70 -15.81
N GLN B 102 -9.85 -10.52 -15.09
N GLN B 102 -9.86 -10.51 -15.10
CA GLN B 102 -10.72 -10.05 -14.00
CA GLN B 102 -10.68 -10.07 -13.99
C GLN B 102 -9.95 -9.36 -12.84
C GLN B 102 -9.90 -9.28 -12.93
N ASN B 103 -8.68 -9.70 -12.62
CA ASN B 103 -7.87 -8.89 -11.66
C ASN B 103 -7.71 -7.42 -12.13
N ILE B 104 -7.55 -7.18 -13.40
CA ILE B 104 -7.42 -5.79 -13.85
C ILE B 104 -8.75 -5.12 -13.74
N ARG B 105 -9.77 -5.77 -14.28
CA ARG B 105 -11.10 -5.19 -14.28
C ARG B 105 -11.63 -4.93 -12.86
N ASN B 106 -11.37 -5.86 -11.95
CA ASN B 106 -11.78 -5.67 -10.55
C ASN B 106 -11.08 -4.60 -9.77
N PHE B 107 -9.78 -4.46 -10.00
CA PHE B 107 -9.00 -3.40 -9.38
C PHE B 107 -9.42 -1.98 -9.85
N VAL B 109 -12.47 -1.11 -10.62
CA VAL B 109 -13.64 -0.83 -9.81
C VAL B 109 -13.27 -0.56 -8.35
N THR B 110 -12.70 -1.58 -7.66
CA THR B 110 -12.56 -1.47 -6.22
C THR B 110 -11.21 -0.94 -5.73
N GLY B 111 -10.22 -0.88 -6.63
CA GLY B 111 -8.96 -0.24 -6.32
C GLY B 111 -8.22 -0.85 -5.14
N TRP B 112 -7.42 -0.03 -4.46
CA TRP B 112 -6.66 -0.57 -3.35
C TRP B 112 -7.56 -1.06 -2.19
N GLU B 113 -8.66 -0.40 -1.94
N GLU B 113 -8.70 -0.42 -1.94
CA GLU B 113 -9.58 -0.92 -0.90
CA GLU B 113 -9.56 -0.95 -0.86
C GLU B 113 -10.06 -2.38 -1.11
C GLU B 113 -10.27 -2.32 -1.13
N GLY B 114 -10.14 -2.83 -2.35
CA GLY B 114 -10.63 -4.18 -2.65
C GLY B 114 -9.54 -5.25 -2.51
N ILE B 115 -8.27 -4.83 -2.43
CA ILE B 115 -7.16 -5.77 -2.35
C ILE B 115 -6.98 -6.23 -0.93
N GLN B 116 -6.74 -7.52 -0.77
CA GLN B 116 -6.42 -8.05 0.54
C GLN B 116 -5.69 -9.38 0.47
N PHE B 117 -4.44 -9.31 0.84
CA PHE B 117 -3.55 -10.43 0.83
C PHE B 117 -3.82 -11.30 2.04
N GLU B 118 -3.76 -12.61 1.85
N GLU B 118 -3.76 -12.60 1.81
CA GLU B 118 -3.84 -13.51 2.99
CA GLU B 118 -3.81 -13.59 2.87
C GLU B 118 -2.48 -13.55 3.65
C GLU B 118 -2.51 -13.50 3.62
N THR B 119 -1.44 -13.35 2.85
CA THR B 119 -0.10 -13.38 3.36
C THR B 119 0.78 -12.52 2.47
N SER B 120 1.95 -12.21 2.98
CA SER B 120 2.92 -11.38 2.30
C SER B 120 3.52 -12.09 1.10
N ALA B 121 3.44 -11.45 -0.06
CA ALA B 121 3.99 -12.06 -1.28
C ALA B 121 5.44 -11.69 -1.55
N LEU B 122 5.91 -10.53 -1.10
CA LEU B 122 7.23 -10.07 -1.59
C LEU B 122 8.01 -9.50 -0.51
N THR B 123 9.33 -9.68 -0.60
CA THR B 123 10.25 -9.06 0.31
C THR B 123 11.47 -8.66 -0.51
N ALA B 124 11.95 -7.45 -0.23
CA ALA B 124 13.12 -6.90 -0.88
C ALA B 124 14.30 -7.81 -0.64
N LYS B 125 15.05 -8.04 -1.70
CA LYS B 125 16.29 -8.80 -1.63
C LYS B 125 17.34 -7.95 -0.91
#